data_4KBZ
#
_entry.id   4KBZ
#
_cell.length_a   72.207
_cell.length_b   72.207
_cell.length_c   46.010
_cell.angle_alpha   90.00
_cell.angle_beta   90.00
_cell.angle_gamma   90.00
#
_symmetry.space_group_name_H-M   'P 41'
#
loop_
_entity.id
_entity.type
_entity.pdbx_description
1 polymer 'Egl nine homolog 1'
2 non-polymer '(2S)-({[2-(5-cyano-3-hydroxypyridin-2-yl)-1,3-thiazol-4-yl]acetyl}amino)(phenyl)ethanoic acid'
3 non-polymer 'FE (II) ION'
4 non-polymer 'SULFATE ION'
5 water water
#
_entity_poly.entity_id   1
_entity_poly.type   'polypeptide(L)'
_entity_poly.pdbx_seq_one_letter_code
;GSQTKPLPALKLALEYIVPCMNKHGICVVDDFLGKETGQQIGDEVRALHDTGKFTDGQLVSQKSDSSKDIRGDKITWIEG
KEPGCETIGLLMSSMDDLIRHCNGKLGSYKINGRTKAMVACYPGNGTGYVRHVDNPNGDGRCVTCIYYLNKDWDAKVSGG
ILRIFPEGKAQFADIEPKFDRLLFFWSDRRNPHEVQPAYATRYAITVWYFDADERARAKVKYLTGEKGLRVELNKPSD
;
_entity_poly.pdbx_strand_id   A
#
loop_
_chem_comp.id
_chem_comp.type
_chem_comp.name
_chem_comp.formula
1QA non-polymer '(2S)-({[2-(5-cyano-3-hydroxypyridin-2-yl)-1,3-thiazol-4-yl]acetyl}amino)(phenyl)ethanoic acid' 'C19 H14 N4 O4 S'
FE2 non-polymer 'FE (II) ION' 'Fe 2'
SO4 non-polymer 'SULFATE ION' 'O4 S -2'
#
# COMPACT_ATOMS: atom_id res chain seq x y z
N THR A 4 -13.33 11.67 21.50
CA THR A 4 -12.58 10.91 20.44
C THR A 4 -11.08 11.09 20.61
N LYS A 5 -10.39 9.99 20.90
CA LYS A 5 -8.95 10.02 21.09
C LYS A 5 -8.22 8.99 20.23
N PRO A 6 -6.93 9.23 19.96
CA PRO A 6 -6.10 8.33 19.16
C PRO A 6 -5.82 7.03 19.90
N LEU A 7 -6.09 5.92 19.23
CA LEU A 7 -5.87 4.60 19.79
C LEU A 7 -4.35 4.36 19.73
N PRO A 8 -3.71 4.07 20.87
CA PRO A 8 -2.26 3.82 20.81
C PRO A 8 -1.92 2.64 19.90
N ALA A 9 -0.84 2.78 19.14
CA ALA A 9 -0.41 1.75 18.19
C ALA A 9 -0.45 0.35 18.77
N LEU A 10 0.09 0.18 19.97
CA LEU A 10 0.12 -1.12 20.61
C LEU A 10 -1.28 -1.72 20.74
N LYS A 11 -2.24 -0.89 21.14
CA LYS A 11 -3.61 -1.36 21.31
C LYS A 11 -4.23 -1.67 19.94
N LEU A 12 -4.08 -0.75 19.00
CA LEU A 12 -4.61 -0.96 17.65
C LEU A 12 -3.98 -2.22 17.04
N ALA A 13 -2.69 -2.41 17.28
CA ALA A 13 -1.98 -3.55 16.71
C ALA A 13 -2.45 -4.88 17.26
N LEU A 14 -2.40 -5.02 18.58
CA LEU A 14 -2.76 -6.28 19.23
C LEU A 14 -4.24 -6.53 19.37
N GLU A 15 -5.03 -5.47 19.53
CA GLU A 15 -6.47 -5.65 19.70
C GLU A 15 -7.28 -5.69 18.39
N TYR A 16 -6.68 -5.25 17.29
CA TYR A 16 -7.42 -5.23 16.02
C TYR A 16 -6.64 -5.80 14.83
N ILE A 17 -5.53 -5.17 14.48
CA ILE A 17 -4.74 -5.62 13.33
C ILE A 17 -4.30 -7.08 13.36
N VAL A 18 -3.68 -7.51 14.45
CA VAL A 18 -3.24 -8.89 14.56
C VAL A 18 -4.37 -9.91 14.39
N PRO A 19 -5.45 -9.78 15.18
CA PRO A 19 -6.58 -10.72 15.09
C PRO A 19 -7.18 -10.70 13.69
N CYS A 20 -7.45 -9.50 13.20
CA CYS A 20 -8.03 -9.28 11.89
C CYS A 20 -7.24 -9.93 10.77
N MET A 21 -5.94 -9.66 10.74
CA MET A 21 -5.08 -10.22 9.71
C MET A 21 -5.02 -11.75 9.79
N ASN A 22 -4.77 -12.29 10.97
CA ASN A 22 -4.68 -13.74 11.14
C ASN A 22 -5.99 -14.46 10.84
N LYS A 23 -7.10 -13.73 10.90
CA LYS A 23 -8.39 -14.32 10.63
C LYS A 23 -8.86 -14.05 9.20
N HIS A 24 -8.74 -12.82 8.75
CA HIS A 24 -9.20 -12.43 7.41
C HIS A 24 -8.10 -12.18 6.37
N GLY A 25 -6.90 -11.84 6.82
CA GLY A 25 -5.82 -11.57 5.89
C GLY A 25 -6.01 -10.24 5.16
N ILE A 26 -7.02 -9.49 5.60
CA ILE A 26 -7.35 -8.19 5.03
C ILE A 26 -7.75 -7.34 6.21
N CYS A 27 -7.21 -6.12 6.33
CA CYS A 27 -7.53 -5.25 7.46
C CYS A 27 -7.59 -3.76 7.14
N VAL A 28 -8.73 -3.15 7.39
CA VAL A 28 -8.91 -1.72 7.13
C VAL A 28 -8.86 -0.89 8.42
N VAL A 29 -8.12 0.22 8.37
CA VAL A 29 -8.01 1.14 9.50
C VAL A 29 -8.32 2.56 9.02
N ASP A 30 -9.52 3.05 9.32
CA ASP A 30 -9.90 4.38 8.91
C ASP A 30 -9.46 5.45 9.90
N ASP A 31 -9.36 6.69 9.42
CA ASP A 31 -8.92 7.82 10.24
C ASP A 31 -7.58 7.50 10.88
N PHE A 32 -6.64 7.07 10.05
CA PHE A 32 -5.32 6.71 10.51
C PHE A 32 -4.46 7.85 11.06
N LEU A 33 -4.43 8.99 10.37
CA LEU A 33 -3.60 10.11 10.82
C LEU A 33 -4.34 11.43 11.04
N GLY A 34 -5.65 11.45 10.78
CA GLY A 34 -6.40 12.68 10.97
C GLY A 34 -6.35 13.60 9.77
N LYS A 35 -7.37 14.44 9.65
CA LYS A 35 -7.51 15.39 8.54
C LYS A 35 -6.26 16.21 8.24
N GLU A 36 -5.73 16.88 9.26
CA GLU A 36 -4.55 17.73 9.09
C GLU A 36 -3.40 17.03 8.38
N THR A 37 -2.85 15.99 9.01
CA THR A 37 -1.73 15.25 8.43
C THR A 37 -2.13 14.68 7.07
N GLY A 38 -3.36 14.18 6.98
CA GLY A 38 -3.86 13.63 5.73
C GLY A 38 -3.81 14.57 4.54
N GLN A 39 -4.33 15.79 4.73
CA GLN A 39 -4.35 16.77 3.65
C GLN A 39 -2.93 17.20 3.26
N GLN A 40 -2.04 17.25 4.24
CA GLN A 40 -0.66 17.64 3.98
C GLN A 40 0.04 16.59 3.13
N ILE A 41 -0.29 15.32 3.36
CA ILE A 41 0.30 14.24 2.57
C ILE A 41 -0.26 14.41 1.16
N GLY A 42 -1.53 14.74 1.07
CA GLY A 42 -2.16 14.95 -0.22
C GLY A 42 -1.50 16.09 -0.98
N ASP A 43 -1.10 17.13 -0.25
CA ASP A 43 -0.44 18.28 -0.89
C ASP A 43 0.94 17.87 -1.40
N GLU A 44 1.68 17.13 -0.59
CA GLU A 44 3.02 16.70 -1.01
C GLU A 44 2.91 15.81 -2.25
N VAL A 45 2.02 14.83 -2.21
CA VAL A 45 1.84 13.95 -3.35
C VAL A 45 1.41 14.74 -4.58
N ARG A 46 0.41 15.60 -4.42
CA ARG A 46 -0.07 16.42 -5.53
C ARG A 46 1.06 17.31 -6.06
N ALA A 47 1.94 17.74 -5.17
CA ALA A 47 3.06 18.59 -5.59
C ALA A 47 4.05 17.75 -6.41
N LEU A 48 4.30 16.51 -5.98
CA LEU A 48 5.20 15.63 -6.72
C LEU A 48 4.66 15.46 -8.13
N HIS A 49 3.35 15.34 -8.23
CA HIS A 49 2.71 15.17 -9.53
C HIS A 49 2.87 16.38 -10.43
N ASP A 50 2.56 17.55 -9.88
CA ASP A 50 2.64 18.78 -10.67
C ASP A 50 4.05 19.11 -11.11
N THR A 51 5.03 18.82 -10.26
CA THR A 51 6.41 19.10 -10.60
C THR A 51 7.03 18.01 -11.48
N GLY A 52 6.17 17.15 -12.03
CA GLY A 52 6.60 16.08 -12.92
C GLY A 52 7.54 15.00 -12.40
N LYS A 53 7.38 14.59 -11.14
CA LYS A 53 8.25 13.56 -10.58
C LYS A 53 7.82 12.12 -10.83
N PHE A 54 6.64 11.91 -11.43
CA PHE A 54 6.17 10.55 -11.68
C PHE A 54 6.65 9.94 -12.99
N THR A 55 6.55 8.62 -13.07
CA THR A 55 6.93 7.85 -14.24
C THR A 55 5.79 6.86 -14.53
N ASP A 56 5.45 6.68 -15.80
CA ASP A 56 4.37 5.75 -16.16
C ASP A 56 4.58 4.37 -15.53
N GLY A 57 3.64 3.97 -14.67
CA GLY A 57 3.73 2.68 -14.00
C GLY A 57 3.82 1.49 -14.95
N GLN A 58 3.17 1.62 -16.09
CA GLN A 58 3.18 0.54 -17.09
C GLN A 58 4.62 0.20 -17.50
N LEU A 59 5.46 1.21 -17.67
CA LEU A 59 6.86 1.01 -18.06
C LEU A 59 7.63 0.17 -17.05
N VAL A 60 7.28 0.33 -15.78
CA VAL A 60 7.94 -0.40 -14.71
C VAL A 60 7.65 -1.90 -14.71
N SER A 61 6.36 -2.25 -14.73
CA SER A 61 5.95 -3.65 -14.71
C SER A 61 6.18 -4.40 -16.01
N GLN A 62 5.77 -3.81 -17.13
CA GLN A 62 5.90 -4.42 -18.43
C GLN A 62 7.23 -5.12 -18.66
N LYS A 63 7.21 -6.13 -19.53
CA LYS A 63 8.41 -6.90 -19.87
C LYS A 63 8.94 -6.31 -21.17
N SER A 64 8.15 -6.47 -22.23
CA SER A 64 8.50 -5.96 -23.55
C SER A 64 7.69 -4.70 -23.80
N ASP A 65 7.94 -4.04 -24.92
CA ASP A 65 7.22 -2.82 -25.27
C ASP A 65 5.87 -3.19 -25.89
N SER A 66 5.73 -4.45 -26.25
CA SER A 66 4.50 -4.95 -26.86
C SER A 66 3.62 -5.69 -25.84
N SER A 67 4.08 -5.74 -24.60
CA SER A 67 3.34 -6.41 -23.53
C SER A 67 1.98 -5.72 -23.33
N LYS A 68 0.94 -6.53 -23.11
CA LYS A 68 -0.41 -6.02 -22.89
C LYS A 68 -0.46 -5.17 -21.63
N ASP A 69 -1.16 -4.04 -21.70
CA ASP A 69 -1.29 -3.11 -20.59
C ASP A 69 -1.76 -3.76 -19.30
N ILE A 70 -0.95 -3.61 -18.25
CA ILE A 70 -1.23 -4.16 -16.93
C ILE A 70 -1.81 -3.07 -16.04
N ARG A 71 -1.23 -1.88 -16.12
CA ARG A 71 -1.64 -0.76 -15.31
C ARG A 71 -1.55 0.57 -16.06
N GLY A 72 -2.36 1.54 -15.63
CA GLY A 72 -2.36 2.84 -16.27
C GLY A 72 -2.17 3.98 -15.27
N ASP A 73 -1.23 3.79 -14.35
CA ASP A 73 -0.94 4.80 -13.34
C ASP A 73 0.46 5.40 -13.48
N LYS A 74 0.74 6.42 -12.67
CA LYS A 74 2.03 7.09 -12.68
C LYS A 74 2.59 6.96 -11.27
N ILE A 75 3.89 6.72 -11.14
CA ILE A 75 4.48 6.56 -9.82
C ILE A 75 5.85 7.16 -9.59
N THR A 76 6.26 7.11 -8.33
CA THR A 76 7.56 7.58 -7.90
C THR A 76 7.82 6.91 -6.56
N TRP A 77 9.09 6.60 -6.28
CA TRP A 77 9.46 5.99 -5.01
C TRP A 77 9.97 7.08 -4.08
N ILE A 78 9.40 7.16 -2.88
CA ILE A 78 9.79 8.15 -1.89
C ILE A 78 10.41 7.48 -0.67
N GLU A 79 11.56 7.98 -0.24
CA GLU A 79 12.24 7.39 0.93
C GLU A 79 11.68 8.01 2.21
N GLY A 80 11.13 9.20 2.10
CA GLY A 80 10.56 9.86 3.26
C GLY A 80 11.38 11.03 3.79
N LYS A 81 12.63 11.19 3.33
CA LYS A 81 13.46 12.28 3.81
C LYS A 81 13.67 13.39 2.78
N GLU A 82 13.41 13.10 1.50
CA GLU A 82 13.58 14.10 0.46
C GLU A 82 12.75 15.36 0.71
N PRO A 83 13.26 16.53 0.27
CA PRO A 83 12.60 17.82 0.43
C PRO A 83 11.15 17.79 -0.06
N GLY A 84 10.24 18.27 0.78
CA GLY A 84 8.84 18.30 0.41
C GLY A 84 8.14 16.95 0.53
N CYS A 85 8.74 16.02 1.27
CA CYS A 85 8.18 14.69 1.46
C CYS A 85 8.19 14.27 2.93
N GLU A 86 8.37 15.26 3.82
CA GLU A 86 8.42 15.02 5.26
C GLU A 86 7.18 14.35 5.82
N THR A 87 6.01 14.78 5.37
CA THR A 87 4.78 14.20 5.87
C THR A 87 4.62 12.75 5.38
N ILE A 88 5.09 12.47 4.16
CA ILE A 88 5.01 11.11 3.62
C ILE A 88 5.92 10.25 4.50
N GLY A 89 7.02 10.85 4.94
CA GLY A 89 7.94 10.15 5.82
C GLY A 89 7.26 9.85 7.15
N LEU A 90 6.45 10.80 7.63
CA LEU A 90 5.74 10.60 8.89
C LEU A 90 4.80 9.41 8.73
N LEU A 91 4.09 9.37 7.61
CA LEU A 91 3.16 8.28 7.32
C LEU A 91 3.90 6.95 7.45
N MET A 92 5.05 6.87 6.79
CA MET A 92 5.86 5.67 6.81
C MET A 92 6.29 5.25 8.22
N SER A 93 6.69 6.22 9.03
CA SER A 93 7.09 5.93 10.40
C SER A 93 5.89 5.42 11.17
N SER A 94 4.71 5.94 10.84
CA SER A 94 3.49 5.51 11.52
C SER A 94 3.17 4.08 11.16
N MET A 95 3.28 3.75 9.87
CA MET A 95 3.04 2.39 9.41
C MET A 95 4.02 1.46 10.09
N ASP A 96 5.29 1.86 10.05
CA ASP A 96 6.37 1.08 10.64
C ASP A 96 6.13 0.83 12.11
N ASP A 97 5.62 1.86 12.80
CA ASP A 97 5.34 1.71 14.24
C ASP A 97 4.31 0.60 14.49
N LEU A 98 3.26 0.56 13.68
CA LEU A 98 2.23 -0.45 13.84
C LEU A 98 2.78 -1.84 13.59
N ILE A 99 3.48 -2.00 12.47
CA ILE A 99 4.06 -3.29 12.12
C ILE A 99 4.93 -3.82 13.26
N ARG A 100 5.76 -2.94 13.81
CA ARG A 100 6.64 -3.33 14.89
C ARG A 100 5.85 -3.95 16.05
N HIS A 101 4.75 -3.33 16.45
CA HIS A 101 3.94 -3.86 17.55
C HIS A 101 3.32 -5.21 17.20
N CYS A 102 3.08 -5.44 15.91
CA CYS A 102 2.50 -6.71 15.45
C CYS A 102 3.54 -7.82 15.38
N ASN A 103 4.71 -7.47 14.87
CA ASN A 103 5.81 -8.41 14.68
C ASN A 103 5.81 -9.61 15.61
N GLY A 104 5.86 -10.79 14.99
CA GLY A 104 5.85 -12.03 15.75
C GLY A 104 4.45 -12.56 15.94
N LYS A 105 3.45 -11.72 15.65
CA LYS A 105 2.06 -12.12 15.82
C LYS A 105 1.32 -12.20 14.49
N LEU A 106 2.00 -11.89 13.40
CA LEU A 106 1.39 -11.96 12.07
C LEU A 106 1.84 -13.25 11.42
N GLY A 107 1.04 -14.30 11.59
CA GLY A 107 1.41 -15.58 11.04
C GLY A 107 2.71 -15.98 11.72
N SER A 108 3.66 -16.48 10.95
CA SER A 108 4.96 -16.88 11.49
C SER A 108 6.04 -15.96 10.93
N TYR A 109 5.61 -14.89 10.26
CA TYR A 109 6.54 -13.94 9.65
C TYR A 109 7.39 -13.17 10.64
N LYS A 110 8.60 -12.85 10.22
CA LYS A 110 9.55 -12.08 10.99
C LYS A 110 9.86 -10.88 10.10
N ILE A 111 9.14 -9.79 10.29
CA ILE A 111 9.33 -8.60 9.48
C ILE A 111 10.59 -7.83 9.86
N ASN A 112 11.56 -7.82 8.95
CA ASN A 112 12.83 -7.14 9.21
C ASN A 112 13.06 -5.92 8.31
N GLY A 113 11.99 -5.39 7.74
CA GLY A 113 12.14 -4.24 6.88
C GLY A 113 11.00 -4.03 5.91
N ARG A 114 11.17 -3.04 5.04
CA ARG A 114 10.15 -2.70 4.06
C ARG A 114 10.76 -2.05 2.84
N THR A 115 9.92 -1.81 1.83
CA THR A 115 10.35 -1.14 0.62
C THR A 115 10.16 0.35 0.92
N LYS A 116 10.53 1.18 -0.04
CA LYS A 116 10.33 2.62 0.11
C LYS A 116 8.85 2.79 -0.21
N ALA A 117 8.35 4.02 -0.15
CA ALA A 117 6.96 4.26 -0.42
C ALA A 117 6.71 4.47 -1.90
N MET A 118 5.81 3.68 -2.49
CA MET A 118 5.47 3.85 -3.90
C MET A 118 4.24 4.74 -3.98
N VAL A 119 4.47 5.99 -4.35
CA VAL A 119 3.40 6.98 -4.49
C VAL A 119 2.84 6.82 -5.89
N ALA A 120 1.54 6.59 -5.99
CA ALA A 120 0.93 6.40 -7.30
C ALA A 120 -0.22 7.36 -7.57
N CYS A 121 -0.51 7.56 -8.84
CA CYS A 121 -1.60 8.41 -9.27
C CYS A 121 -2.34 7.72 -10.41
N TYR A 122 -3.65 7.59 -10.24
CA TYR A 122 -4.48 7.00 -11.28
C TYR A 122 -5.29 8.17 -11.84
N PRO A 123 -4.90 8.68 -13.02
CA PRO A 123 -5.58 9.81 -13.66
C PRO A 123 -7.01 9.55 -14.14
N GLY A 124 -7.67 8.56 -13.55
CA GLY A 124 -9.03 8.26 -13.96
C GLY A 124 -9.06 7.85 -15.41
N ASN A 125 -9.94 8.47 -16.19
CA ASN A 125 -10.04 8.14 -17.62
C ASN A 125 -10.05 6.62 -17.81
N GLY A 126 -10.84 5.94 -16.97
CA GLY A 126 -10.96 4.50 -17.04
C GLY A 126 -9.68 3.72 -16.79
N THR A 127 -8.70 4.37 -16.16
CA THR A 127 -7.43 3.71 -15.87
C THR A 127 -7.43 3.05 -14.50
N GLY A 128 -6.74 1.91 -14.42
CA GLY A 128 -6.67 1.16 -13.17
C GLY A 128 -5.59 0.12 -13.22
N TYR A 129 -5.82 -1.01 -12.56
CA TYR A 129 -4.84 -2.09 -12.52
C TYR A 129 -5.57 -3.42 -12.65
N VAL A 130 -5.13 -4.25 -13.59
CA VAL A 130 -5.75 -5.56 -13.84
C VAL A 130 -5.53 -6.54 -12.68
N ARG A 131 -6.44 -7.50 -12.54
CA ARG A 131 -6.37 -8.50 -11.47
C ARG A 131 -4.99 -9.14 -11.33
N HIS A 132 -4.47 -9.19 -10.11
CA HIS A 132 -3.15 -9.76 -9.87
C HIS A 132 -2.87 -10.07 -8.41
N VAL A 133 -1.72 -10.72 -8.20
CA VAL A 133 -1.21 -11.08 -6.89
C VAL A 133 0.11 -10.30 -6.80
N ASP A 134 0.29 -9.51 -5.74
CA ASP A 134 1.51 -8.72 -5.58
C ASP A 134 2.79 -9.54 -5.55
N ASN A 135 2.79 -10.59 -4.74
CA ASN A 135 3.96 -11.46 -4.61
C ASN A 135 3.60 -12.91 -4.84
N PRO A 136 3.61 -13.35 -6.11
CA PRO A 136 3.28 -14.72 -6.48
C PRO A 136 4.43 -15.71 -6.42
N ASN A 137 5.65 -15.21 -6.54
CA ASN A 137 6.83 -16.08 -6.55
C ASN A 137 7.74 -15.98 -5.35
N GLY A 138 7.17 -15.76 -4.17
CA GLY A 138 7.99 -15.66 -2.97
C GLY A 138 9.13 -14.66 -3.09
N ASP A 139 8.81 -13.43 -3.47
CA ASP A 139 9.84 -12.41 -3.61
C ASP A 139 10.22 -11.76 -2.28
N GLY A 140 9.65 -12.27 -1.19
CA GLY A 140 9.98 -11.74 0.13
C GLY A 140 8.95 -10.82 0.79
N ARG A 141 8.06 -10.22 0.00
CA ARG A 141 7.06 -9.32 0.57
C ARG A 141 5.88 -10.08 1.15
N CYS A 142 5.64 -9.90 2.44
CA CYS A 142 4.55 -10.62 3.09
C CYS A 142 3.30 -9.81 3.38
N VAL A 143 3.43 -8.51 3.54
CA VAL A 143 2.27 -7.65 3.81
C VAL A 143 2.26 -6.41 2.92
N THR A 144 1.11 -6.13 2.33
CA THR A 144 0.97 -4.95 1.51
C THR A 144 0.23 -3.93 2.36
N CYS A 145 0.74 -2.70 2.37
CA CYS A 145 0.12 -1.63 3.14
C CYS A 145 -0.18 -0.47 2.20
N ILE A 146 -1.43 -0.04 2.15
CA ILE A 146 -1.80 1.05 1.25
C ILE A 146 -2.51 2.17 1.99
N TYR A 147 -2.07 3.42 1.75
CA TYR A 147 -2.70 4.56 2.38
C TYR A 147 -3.39 5.42 1.30
N TYR A 148 -4.68 5.70 1.49
CA TYR A 148 -5.48 6.47 0.55
C TYR A 148 -5.58 7.95 0.93
N LEU A 149 -5.64 8.80 -0.09
CA LEU A 149 -5.68 10.25 0.11
C LEU A 149 -6.76 10.99 -0.64
N ASN A 150 -7.80 10.29 -1.09
CA ASN A 150 -8.83 10.93 -1.86
C ASN A 150 -10.04 11.49 -1.10
N LYS A 151 -9.94 12.78 -0.76
CA LYS A 151 -10.98 13.50 -0.04
C LYS A 151 -12.33 13.41 -0.76
N ASP A 152 -13.37 12.99 -0.03
CA ASP A 152 -14.71 12.87 -0.59
C ASP A 152 -14.76 12.06 -1.88
N TRP A 153 -14.66 10.73 -1.76
CA TRP A 153 -14.69 9.87 -2.93
C TRP A 153 -15.98 9.06 -3.03
N ASP A 154 -16.63 9.16 -4.17
CA ASP A 154 -17.87 8.43 -4.42
C ASP A 154 -17.60 7.35 -5.45
N ALA A 155 -17.36 6.13 -4.99
CA ALA A 155 -17.08 5.01 -5.87
C ALA A 155 -18.23 4.72 -6.83
N LYS A 156 -19.43 5.11 -6.42
CA LYS A 156 -20.62 4.87 -7.22
C LYS A 156 -20.55 5.58 -8.58
N VAL A 157 -19.77 6.66 -8.66
CA VAL A 157 -19.63 7.39 -9.92
C VAL A 157 -18.18 7.54 -10.36
N SER A 158 -17.26 7.48 -9.40
CA SER A 158 -15.83 7.61 -9.70
C SER A 158 -15.14 6.25 -9.75
N GLY A 159 -15.80 5.23 -9.21
CA GLY A 159 -15.23 3.89 -9.20
C GLY A 159 -13.94 3.83 -8.41
N GLY A 160 -12.91 3.22 -8.98
CA GLY A 160 -11.64 3.11 -8.30
C GLY A 160 -11.64 2.21 -7.08
N ILE A 161 -12.65 1.35 -6.99
CA ILE A 161 -12.74 0.44 -5.86
C ILE A 161 -11.67 -0.65 -5.93
N LEU A 162 -11.13 -1.02 -4.79
CA LEU A 162 -10.15 -2.08 -4.75
C LEU A 162 -10.95 -3.30 -4.32
N ARG A 163 -11.07 -4.28 -5.22
CA ARG A 163 -11.83 -5.48 -4.90
C ARG A 163 -10.84 -6.61 -4.68
N ILE A 164 -10.91 -7.23 -3.49
CA ILE A 164 -10.01 -8.33 -3.15
C ILE A 164 -10.76 -9.66 -3.02
N PHE A 165 -10.18 -10.73 -3.55
CA PHE A 165 -10.77 -12.06 -3.51
C PHE A 165 -9.96 -13.04 -2.67
N PRO A 166 -10.19 -13.07 -1.35
CA PRO A 166 -9.43 -13.99 -0.50
C PRO A 166 -9.53 -15.42 -1.04
N GLU A 167 -8.37 -16.00 -1.33
CA GLU A 167 -8.31 -17.36 -1.84
C GLU A 167 -8.99 -18.42 -0.95
N GLY A 168 -9.88 -19.20 -1.54
CA GLY A 168 -10.55 -20.25 -0.81
C GLY A 168 -11.54 -19.78 0.24
N LYS A 169 -12.18 -18.64 -0.01
CA LYS A 169 -13.17 -18.13 0.90
C LYS A 169 -14.45 -17.79 0.16
N ALA A 170 -15.58 -17.92 0.86
CA ALA A 170 -16.88 -17.64 0.26
C ALA A 170 -17.22 -16.15 0.26
N GLN A 171 -16.20 -15.30 0.21
CA GLN A 171 -16.45 -13.87 0.20
C GLN A 171 -15.35 -13.08 -0.50
N PHE A 172 -15.60 -11.78 -0.66
CA PHE A 172 -14.64 -10.91 -1.30
C PHE A 172 -14.75 -9.56 -0.62
N ALA A 173 -13.74 -8.71 -0.83
CA ALA A 173 -13.76 -7.42 -0.17
C ALA A 173 -13.72 -6.26 -1.15
N ASP A 174 -14.59 -5.28 -0.93
CA ASP A 174 -14.64 -4.09 -1.76
C ASP A 174 -14.13 -2.95 -0.91
N ILE A 175 -12.94 -2.47 -1.24
CA ILE A 175 -12.32 -1.38 -0.49
C ILE A 175 -12.38 -0.05 -1.25
N GLU A 176 -13.12 0.91 -0.72
CA GLU A 176 -13.17 2.21 -1.36
C GLU A 176 -11.89 2.96 -1.00
N PRO A 177 -11.29 3.67 -1.97
CA PRO A 177 -10.05 4.43 -1.75
C PRO A 177 -10.32 5.69 -0.95
N LYS A 178 -10.86 5.51 0.24
CA LYS A 178 -11.23 6.56 1.17
C LYS A 178 -10.09 7.36 1.81
N PHE A 179 -10.28 8.67 1.88
CA PHE A 179 -9.30 9.57 2.49
C PHE A 179 -8.90 9.10 3.89
N ASP A 180 -7.60 9.15 4.16
CA ASP A 180 -7.02 8.77 5.44
C ASP A 180 -7.28 7.32 5.85
N ARG A 181 -7.53 6.47 4.86
CA ARG A 181 -7.74 5.05 5.12
C ARG A 181 -6.44 4.29 4.88
N LEU A 182 -6.14 3.37 5.79
CA LEU A 182 -4.95 2.53 5.72
C LEU A 182 -5.42 1.11 5.51
N LEU A 183 -4.78 0.39 4.61
CA LEU A 183 -5.15 -0.98 4.31
C LEU A 183 -3.98 -1.93 4.39
N PHE A 184 -4.23 -3.09 4.99
CA PHE A 184 -3.25 -4.16 5.17
C PHE A 184 -3.81 -5.45 4.58
N PHE A 185 -2.99 -6.20 3.86
CA PHE A 185 -3.41 -7.50 3.34
C PHE A 185 -2.20 -8.34 2.94
N TRP A 186 -2.29 -9.66 3.13
CA TRP A 186 -1.18 -10.55 2.78
C TRP A 186 -0.87 -10.29 1.31
N SER A 187 0.42 -10.18 0.99
CA SER A 187 0.87 -9.90 -0.37
C SER A 187 0.92 -11.09 -1.30
N ASP A 188 0.91 -12.32 -0.77
CA ASP A 188 0.99 -13.51 -1.62
C ASP A 188 -0.31 -13.94 -2.28
N ARG A 189 -0.30 -15.16 -2.84
CA ARG A 189 -1.45 -15.72 -3.55
C ARG A 189 -2.78 -15.73 -2.78
N ARG A 190 -2.74 -15.54 -1.48
CA ARG A 190 -3.96 -15.52 -0.71
C ARG A 190 -4.85 -14.34 -1.08
N ASN A 191 -4.26 -13.29 -1.61
CA ASN A 191 -5.03 -12.11 -1.96
C ASN A 191 -5.00 -11.58 -3.39
N PRO A 192 -5.62 -12.30 -4.33
CA PRO A 192 -5.62 -11.79 -5.71
C PRO A 192 -6.49 -10.55 -5.60
N HIS A 193 -6.19 -9.51 -6.37
CA HIS A 193 -7.00 -8.30 -6.30
C HIS A 193 -6.94 -7.50 -7.59
N GLU A 194 -7.89 -6.58 -7.74
CA GLU A 194 -7.96 -5.73 -8.92
C GLU A 194 -8.45 -4.32 -8.58
N VAL A 195 -7.95 -3.32 -9.30
CA VAL A 195 -8.38 -1.94 -9.08
C VAL A 195 -9.40 -1.60 -10.16
N GLN A 196 -10.67 -1.53 -9.78
CA GLN A 196 -11.73 -1.20 -10.72
C GLN A 196 -11.46 0.14 -11.42
N PRO A 197 -12.06 0.33 -12.60
CA PRO A 197 -11.92 1.57 -13.39
C PRO A 197 -12.25 2.81 -12.58
N ALA A 198 -11.36 3.79 -12.63
CA ALA A 198 -11.54 5.05 -11.92
C ALA A 198 -11.93 6.15 -12.91
N TYR A 199 -12.67 7.15 -12.46
CA TYR A 199 -13.07 8.22 -13.36
C TYR A 199 -12.72 9.60 -12.83
N ALA A 200 -11.86 9.60 -11.83
CA ALA A 200 -11.37 10.83 -11.21
C ALA A 200 -9.93 10.54 -10.82
N THR A 201 -9.13 11.58 -10.64
CA THR A 201 -7.74 11.39 -10.25
C THR A 201 -7.69 10.71 -8.89
N ARG A 202 -6.97 9.59 -8.85
CA ARG A 202 -6.86 8.79 -7.65
C ARG A 202 -5.42 8.68 -7.17
N TYR A 203 -5.17 9.04 -5.91
CA TYR A 203 -3.83 8.95 -5.34
C TYR A 203 -3.77 7.97 -4.19
N ALA A 204 -2.68 7.21 -4.14
CA ALA A 204 -2.48 6.23 -3.07
C ALA A 204 -0.99 6.02 -2.86
N ILE A 205 -0.61 5.51 -1.69
CA ILE A 205 0.79 5.26 -1.36
C ILE A 205 0.90 3.85 -0.80
N THR A 206 1.74 3.03 -1.43
CA THR A 206 1.93 1.64 -1.05
C THR A 206 3.31 1.32 -0.48
N VAL A 207 3.32 0.55 0.60
CA VAL A 207 4.56 0.11 1.21
C VAL A 207 4.42 -1.41 1.36
N TRP A 208 5.49 -2.14 1.09
CA TRP A 208 5.47 -3.61 1.23
C TRP A 208 6.47 -4.01 2.29
N TYR A 209 6.03 -4.86 3.23
CA TYR A 209 6.91 -5.31 4.30
C TYR A 209 7.49 -6.68 3.99
N PHE A 210 8.78 -6.83 4.30
CA PHE A 210 9.51 -8.06 4.05
C PHE A 210 9.57 -9.01 5.23
N ASP A 211 9.59 -10.29 4.91
CA ASP A 211 9.72 -11.32 5.94
C ASP A 211 11.18 -11.78 5.83
N ALA A 212 11.92 -11.75 6.94
CA ALA A 212 13.33 -12.14 6.91
C ALA A 212 13.61 -13.49 6.24
N ASP A 213 12.91 -14.53 6.66
CA ASP A 213 13.10 -15.86 6.09
C ASP A 213 12.90 -15.92 4.58
N GLU A 214 11.67 -15.64 4.12
CA GLU A 214 11.37 -15.68 2.70
C GLU A 214 12.31 -14.81 1.87
N ARG A 215 12.81 -13.72 2.44
CA ARG A 215 13.69 -12.85 1.68
C ARG A 215 15.04 -13.53 1.46
N ALA A 216 15.62 -14.09 2.52
CA ALA A 216 16.90 -14.76 2.41
C ALA A 216 16.83 -15.91 1.42
N ARG A 217 15.69 -16.58 1.36
CA ARG A 217 15.52 -17.70 0.43
C ARG A 217 15.08 -17.21 -0.94
N ALA A 218 14.91 -15.90 -1.08
CA ALA A 218 14.47 -15.31 -2.34
C ALA A 218 15.48 -15.52 -3.46
N LYS A 219 14.97 -15.62 -4.69
CA LYS A 219 15.81 -15.79 -5.86
C LYS A 219 16.29 -14.42 -6.31
N VAL A 220 17.57 -14.31 -6.66
CA VAL A 220 18.14 -13.05 -7.11
C VAL A 220 17.28 -12.51 -8.25
N LYS A 221 16.76 -13.43 -9.06
CA LYS A 221 15.91 -13.11 -10.20
C LYS A 221 14.77 -12.16 -9.82
N TYR A 222 14.44 -12.12 -8.53
CA TYR A 222 13.37 -11.25 -8.04
C TYR A 222 13.95 -10.03 -7.33
N GLU A 226 13.48 -1.17 -7.02
CA GLU A 226 13.15 -0.73 -5.67
C GLU A 226 12.34 -1.80 -4.96
N LYS A 227 11.47 -2.46 -5.73
CA LYS A 227 10.62 -3.51 -5.19
C LYS A 227 11.40 -4.55 -4.39
N GLY A 228 12.67 -4.76 -4.75
CA GLY A 228 13.50 -5.74 -4.07
C GLY A 228 14.42 -5.16 -3.00
N LEU A 229 14.44 -3.83 -2.89
CA LEU A 229 15.30 -3.16 -1.91
C LEU A 229 14.63 -3.10 -0.54
N ARG A 230 15.33 -3.60 0.47
CA ARG A 230 14.82 -3.59 1.83
C ARG A 230 15.51 -2.53 2.67
N VAL A 231 14.73 -1.72 3.36
CA VAL A 231 15.29 -0.70 4.25
C VAL A 231 14.72 -0.95 5.64
N GLU A 232 15.42 -0.51 6.68
CA GLU A 232 14.94 -0.72 8.04
C GLU A 232 13.70 0.11 8.34
N LEU A 233 12.91 -0.33 9.32
CA LEU A 233 11.73 0.41 9.71
C LEU A 233 12.25 1.70 10.33
N ASN A 234 11.49 2.79 10.22
CA ASN A 234 11.90 4.05 10.78
C ASN A 234 11.85 4.02 12.30
N LYS A 235 12.80 4.72 12.93
CA LYS A 235 12.85 4.80 14.38
C LYS A 235 12.34 6.19 14.76
N PRO A 236 11.68 6.30 15.92
CA PRO A 236 11.14 7.58 16.41
C PRO A 236 12.20 8.67 16.53
N SER A 237 11.95 9.82 15.88
CA SER A 237 12.88 10.94 15.91
C SER A 237 12.87 11.64 17.27
C1 1QA B . -2.91 -0.13 -5.69
C2 1QA B . -3.98 -1.02 -5.43
C3 1QA B . -3.78 -2.42 -5.67
C7 1QA B . -0.23 -2.64 -6.90
C9 1QA B . 1.33 -4.11 -7.60
C10 1QA B . 2.06 -2.96 -7.71
C12 1QA B . 1.89 -5.49 -7.95
C13 1QA B . 3.24 -5.84 -7.32
C15 1QA B . 4.86 -5.14 -9.13
C16 1QA B . 5.92 -6.10 -9.81
O17 1QA B . 6.73 -5.75 -10.66
C19 1QA B . 5.49 -3.69 -8.99
C20 1QA B . 5.96 -3.25 -7.67
C21 1QA B . 6.53 -1.95 -7.48
C22 1QA B . 6.63 -1.05 -8.61
C24 1QA B . 5.60 -2.76 -10.11
C27 1QA B . -5.18 -0.50 -4.95
N4 1QA B . -2.58 -2.91 -6.15
C5 1QA B . -1.49 -2.08 -6.42
C6 1QA B . -1.67 -0.61 -6.18
N8 1QA B . 0.04 -3.96 -7.15
S11 1QA B . 1.12 -1.62 -7.24
N14 1QA B . 4.44 -5.69 -7.81
O18 1QA B . 5.84 -7.41 -9.36
C23 1QA B . 6.17 -1.46 -9.92
O25 1QA B . 3.28 -6.32 -6.20
O26 1QA B . -0.73 0.33 -6.38
N28 1QA B . -6.17 -0.09 -4.52
FE FE2 C . -1.55 -4.94 -6.10
S SO4 D . 19.35 -7.69 2.76
O1 SO4 D . 18.30 -8.41 3.50
O2 SO4 D . 20.39 -8.63 2.34
O3 SO4 D . 18.76 -7.06 1.57
O4 SO4 D . 19.94 -6.65 3.63
S SO4 E . -14.76 -11.67 13.30
O1 SO4 E . -14.09 -12.39 14.41
O2 SO4 E . -15.03 -12.63 12.21
O3 SO4 E . -13.88 -10.60 12.81
O4 SO4 E . -16.02 -11.09 13.79
S SO4 F . -16.88 1.51 3.35
O1 SO4 F . -16.34 0.13 3.55
O2 SO4 F . -16.49 2.00 2.01
O3 SO4 F . -16.33 2.39 4.39
O4 SO4 F . -18.35 1.47 3.46
#